data_4OB2
#
_entry.id   4OB2
#
_cell.length_a   65.601
_cell.length_b   65.601
_cell.length_c   185.658
_cell.angle_alpha   90.00
_cell.angle_beta   90.00
_cell.angle_gamma   120.00
#
_symmetry.space_group_name_H-M   'P 32 2 1'
#
loop_
_entity.id
_entity.type
_entity.pdbx_description
1 polymer 'Cobalt-containing nitrile hydratase subunit alpha'
2 polymer 'Cobalt-containing nitrile hydratase subunit beta'
3 non-polymer '1-BUTANE BORONIC ACID'
4 non-polymer 'COBALT (II) ION'
5 non-polymer GLYCEROL
6 non-polymer METHANOL
7 water water
#
loop_
_entity_poly.entity_id
_entity_poly.type
_entity_poly.pdbx_seq_one_letter_code
_entity_poly.pdbx_strand_id
1 'polypeptide(L)'
;TENILRKSDEEIQKEITARVKALESMLIEQGILTTSMIDRMAEIYENEVGPHLGAKVVVKAWTDPEFKKRLLADGTEACK
ELGIGGLQGEDMMWVENTDEVHHVVVCTL(CSD)SCYPWPVLGLPPNWFKEPQYRSRVVREPRQLLKEEFGFEVPPSKEI
KVWDSSSEMRFVVLPQRPAGTDGWSEEELATLVTRESMIGVEPAKAVHHHHHH
;
A
2 'polypeptide(L)'
;MNGVYDVGGTDGLGPINRPADEPVFRAEWEKVAFAMFPATFRAGFMGLDEFRFGIEQMNPAEYLESPYYWHWIRTYIHHG
VRTGKIDLEELERRTQYYRENPDAPLPEHEQKPELIEFVNQAVYGGLPASREVDRPPKFKEGDVVRFSTASPKGHARRAR
YVRGKTGTVVKHHGAYIYPDTAGNGLGECPEHLYTVRFTAQELWGPEGDPNSSVYYDCWEPYIELVDTKAAAA
;
B
#
# COMPACT_ATOMS: atom_id res chain seq x y z
N THR A 1 11.61 -0.88 19.66
CA THR A 1 11.79 -0.03 20.82
C THR A 1 11.16 -0.69 22.05
N GLU A 2 11.82 -0.56 23.21
CA GLU A 2 11.32 -1.21 24.42
C GLU A 2 9.94 -0.70 24.82
N ASN A 3 9.08 -1.67 25.10
CA ASN A 3 7.79 -1.42 25.70
C ASN A 3 7.67 -2.41 26.86
N ILE A 4 7.72 -1.92 28.09
CA ILE A 4 7.71 -2.83 29.24
C ILE A 4 6.38 -3.58 29.37
N LEU A 5 5.37 -3.14 28.62
CA LEU A 5 4.06 -3.76 28.66
C LEU A 5 3.94 -4.96 27.71
N ARG A 6 4.89 -5.13 26.81
CA ARG A 6 4.72 -6.07 25.71
C ARG A 6 5.22 -7.48 26.02
N LYS A 7 4.41 -8.48 25.70
CA LYS A 7 4.80 -9.88 25.77
C LYS A 7 6.00 -10.18 24.87
N SER A 8 6.62 -11.33 25.11
CA SER A 8 7.69 -11.80 24.22
C SER A 8 7.17 -12.07 22.83
N ASP A 9 8.06 -12.01 21.84
CA ASP A 9 7.69 -12.34 20.47
C ASP A 9 7.13 -13.76 20.37
N GLU A 10 7.69 -14.67 21.15
CA GLU A 10 7.28 -16.06 21.08
C GLU A 10 5.85 -16.21 21.60
N GLU A 11 5.52 -15.52 22.69
CA GLU A 11 4.15 -15.56 23.20
C GLU A 11 3.15 -14.91 22.25
N ILE A 12 3.56 -13.82 21.62
CA ILE A 12 2.73 -13.13 20.66
C ILE A 12 2.47 -14.05 19.46
N GLN A 13 3.51 -14.69 18.96
CA GLN A 13 3.33 -15.63 17.85
C GLN A 13 2.41 -16.79 18.23
N LYS A 14 2.56 -17.31 19.45
CA LYS A 14 1.73 -18.43 19.87
C LYS A 14 0.26 -18.04 19.87
N GLU A 15 -0.03 -16.85 20.38
CA GLU A 15 -1.41 -16.40 20.46
C GLU A 15 -2.00 -16.12 19.09
N ILE A 16 -1.24 -15.43 18.23
CA ILE A 16 -1.73 -15.12 16.88
C ILE A 16 -2.01 -16.39 16.12
N THR A 17 -1.13 -17.37 16.27
CA THR A 17 -1.29 -18.63 15.56
C THR A 17 -2.62 -19.30 15.92
N ALA A 18 -2.96 -19.31 17.21
CA ALA A 18 -4.21 -19.94 17.65
C ALA A 18 -5.41 -19.16 17.13
N ARG A 19 -5.34 -17.84 17.23
CA ARG A 19 -6.44 -17.02 16.73
C ARG A 19 -6.67 -17.21 15.24
N VAL A 20 -5.59 -17.25 14.46
CA VAL A 20 -5.72 -17.38 13.02
C VAL A 20 -6.23 -18.78 12.64
N LYS A 21 -5.76 -19.81 13.33
CA LYS A 21 -6.24 -21.16 13.04
C LYS A 21 -7.72 -21.27 13.37
N ALA A 22 -8.14 -20.64 14.46
CA ALA A 22 -9.55 -20.63 14.83
C ALA A 22 -10.39 -19.94 13.76
N LEU A 23 -9.97 -18.75 13.32
CA LEU A 23 -10.72 -18.04 12.29
C LEU A 23 -10.75 -18.82 10.99
N GLU A 24 -9.59 -19.39 10.66
CA GLU A 24 -9.46 -20.24 9.47
C GLU A 24 -10.48 -21.39 9.52
N SER A 25 -10.58 -22.05 10.67
CA SER A 25 -11.50 -23.18 10.78
C SER A 25 -12.93 -22.75 10.47
N MET A 26 -13.29 -21.53 10.88
CA MET A 26 -14.66 -21.08 10.69
C MET A 26 -14.92 -20.73 9.22
N LEU A 27 -13.95 -20.06 8.59
CA LEU A 27 -14.12 -19.68 7.18
C LEU A 27 -14.14 -20.93 6.30
N ILE A 28 -13.39 -21.96 6.69
CA ILE A 28 -13.43 -23.22 5.98
C ILE A 28 -14.83 -23.85 6.11
N GLU A 29 -15.39 -23.84 7.31
CA GLU A 29 -16.72 -24.43 7.50
C GLU A 29 -17.80 -23.68 6.75
N GLN A 30 -17.62 -22.37 6.56
CA GLN A 30 -18.53 -21.56 5.76
C GLN A 30 -18.42 -21.84 4.27
N GLY A 31 -17.39 -22.58 3.88
CA GLY A 31 -17.16 -22.91 2.48
C GLY A 31 -16.53 -21.78 1.65
N ILE A 32 -15.99 -20.76 2.30
CA ILE A 32 -15.44 -19.64 1.56
C ILE A 32 -13.92 -19.60 1.50
N LEU A 33 -13.28 -20.52 2.23
CA LEU A 33 -11.83 -20.61 2.25
C LEU A 33 -11.45 -22.08 2.20
N THR A 34 -10.42 -22.40 1.42
CA THR A 34 -9.95 -23.78 1.28
C THR A 34 -8.43 -23.82 1.33
N THR A 35 -7.88 -24.99 1.60
CA THR A 35 -6.43 -25.12 1.62
C THR A 35 -5.82 -24.82 0.25
N SER A 36 -6.47 -25.24 -0.85
CA SER A 36 -5.89 -24.94 -2.15
C SER A 36 -5.91 -23.44 -2.44
N MET A 37 -6.93 -22.73 -1.97
CA MET A 37 -7.00 -21.29 -2.20
C MET A 37 -5.85 -20.60 -1.48
N ILE A 38 -5.59 -21.05 -0.26
CA ILE A 38 -4.47 -20.51 0.51
C ILE A 38 -3.13 -20.76 -0.18
N ASP A 39 -2.89 -22.00 -0.57
CA ASP A 39 -1.64 -22.34 -1.23
C ASP A 39 -1.43 -21.61 -2.55
N ARG A 40 -2.51 -21.40 -3.31
CA ARG A 40 -2.41 -20.71 -4.59
C ARG A 40 -1.99 -19.25 -4.40
N MET A 41 -2.68 -18.54 -3.49
CA MET A 41 -2.29 -17.16 -3.18
C MET A 41 -0.83 -17.05 -2.75
N ALA A 42 -0.39 -17.95 -1.87
CA ALA A 42 0.98 -17.91 -1.36
C ALA A 42 1.98 -18.18 -2.48
N GLU A 43 1.68 -19.15 -3.33
CA GLU A 43 2.59 -19.52 -4.39
C GLU A 43 2.79 -18.34 -5.35
N ILE A 44 1.72 -17.62 -5.64
CA ILE A 44 1.80 -16.50 -6.58
C ILE A 44 2.78 -15.45 -6.08
N TYR A 45 2.68 -15.08 -4.80
CA TYR A 45 3.51 -13.97 -4.30
C TYR A 45 4.83 -14.42 -3.70
N GLU A 46 5.02 -15.73 -3.56
CA GLU A 46 6.35 -16.27 -3.23
C GLU A 46 7.21 -16.53 -4.45
N ASN A 47 6.58 -16.89 -5.57
CA ASN A 47 7.35 -17.40 -6.71
C ASN A 47 7.10 -16.72 -8.05
N GLU A 48 5.95 -16.09 -8.24
CA GLU A 48 5.59 -15.59 -9.57
C GLU A 48 5.65 -14.07 -9.70
N VAL A 49 5.16 -13.37 -8.68
CA VAL A 49 5.06 -11.92 -8.73
C VAL A 49 6.04 -11.30 -7.78
N GLY A 50 6.93 -10.47 -8.31
CA GLY A 50 8.03 -9.92 -7.53
C GLY A 50 8.75 -8.84 -8.31
N PRO A 51 9.75 -8.21 -7.68
CA PRO A 51 10.42 -7.03 -8.28
C PRO A 51 11.21 -7.30 -9.56
N HIS A 52 11.41 -8.57 -9.93
CA HIS A 52 12.03 -8.86 -11.22
C HIS A 52 11.13 -8.36 -12.35
N LEU A 53 9.84 -8.25 -12.07
CA LEU A 53 8.90 -7.77 -13.08
C LEU A 53 9.07 -6.27 -13.30
N GLY A 54 9.10 -5.50 -12.21
CA GLY A 54 9.40 -4.07 -12.32
C GLY A 54 10.73 -3.85 -13.00
N ALA A 55 11.71 -4.69 -12.71
CA ALA A 55 13.03 -4.53 -13.31
C ALA A 55 12.96 -4.63 -14.83
N LYS A 56 12.11 -5.52 -15.33
CA LYS A 56 11.98 -5.67 -16.77
C LYS A 56 11.42 -4.40 -17.39
N VAL A 57 10.48 -3.78 -16.69
CA VAL A 57 9.89 -2.52 -17.14
C VAL A 57 10.94 -1.42 -17.16
N VAL A 58 11.72 -1.32 -16.08
CA VAL A 58 12.77 -0.32 -15.97
C VAL A 58 13.79 -0.44 -17.10
N VAL A 59 14.29 -1.65 -17.34
CA VAL A 59 15.36 -1.79 -18.33
C VAL A 59 14.82 -1.55 -19.75
N LYS A 60 13.54 -1.85 -20.00
CA LYS A 60 12.95 -1.54 -21.30
C LYS A 60 12.87 -0.03 -21.45
N ALA A 61 12.45 0.68 -20.40
CA ALA A 61 12.42 2.15 -20.44
C ALA A 61 13.83 2.73 -20.66
N TRP A 62 14.82 2.13 -20.02
CA TRP A 62 16.21 2.57 -20.18
C TRP A 62 16.72 2.40 -21.60
N THR A 63 16.22 1.37 -22.30
CA THR A 63 16.78 1.01 -23.60
C THR A 63 15.84 1.32 -24.76
N ASP A 64 14.71 1.96 -24.46
CA ASP A 64 13.67 2.18 -25.47
C ASP A 64 12.96 3.49 -25.16
N PRO A 65 13.42 4.60 -25.76
CA PRO A 65 12.85 5.92 -25.43
C PRO A 65 11.36 6.03 -25.70
N GLU A 66 10.87 5.34 -26.73
CA GLU A 66 9.45 5.39 -27.02
C GLU A 66 8.65 4.67 -25.96
N PHE A 67 9.13 3.50 -25.53
CA PHE A 67 8.46 2.80 -24.45
C PHE A 67 8.45 3.63 -23.16
N LYS A 68 9.58 4.27 -22.87
CA LYS A 68 9.67 5.12 -21.68
C LYS A 68 8.61 6.23 -21.73
N LYS A 69 8.42 6.84 -22.89
CA LYS A 69 7.38 7.86 -23.04
C LYS A 69 6.01 7.26 -22.73
N ARG A 70 5.73 6.09 -23.30
CA ARG A 70 4.46 5.42 -23.03
C ARG A 70 4.31 5.07 -21.55
N LEU A 71 5.40 4.62 -20.93
CA LEU A 71 5.37 4.25 -19.51
C LEU A 71 5.00 5.45 -18.63
N LEU A 72 5.60 6.59 -18.92
CA LEU A 72 5.36 7.79 -18.13
C LEU A 72 3.97 8.35 -18.43
N ALA A 73 3.48 8.13 -19.65
CA ALA A 73 2.15 8.60 -20.04
C ALA A 73 1.06 7.79 -19.33
N ASP A 74 1.23 6.47 -19.27
CA ASP A 74 0.19 5.60 -18.71
C ASP A 74 0.86 4.32 -18.26
N GLY A 75 1.18 4.25 -16.98
CA GLY A 75 1.91 3.14 -16.41
C GLY A 75 1.23 1.81 -16.60
N THR A 76 -0.08 1.78 -16.36
CA THR A 76 -0.83 0.53 -16.48
C THR A 76 -0.78 -0.02 -17.90
N GLU A 77 -1.07 0.83 -18.88
CA GLU A 77 -1.11 0.37 -20.26
C GLU A 77 0.27 -0.05 -20.76
N ALA A 78 1.31 0.69 -20.38
CA ALA A 78 2.66 0.35 -20.80
C ALA A 78 3.08 -1.01 -20.24
N CYS A 79 2.82 -1.22 -18.95
CA CYS A 79 3.24 -2.48 -18.32
C CYS A 79 2.51 -3.67 -18.94
N LYS A 80 1.27 -3.46 -19.39
CA LYS A 80 0.53 -4.53 -20.06
C LYS A 80 1.20 -4.97 -21.37
N GLU A 81 2.03 -4.12 -21.97
CA GLU A 81 2.79 -4.51 -23.16
C GLU A 81 3.73 -5.65 -22.83
N LEU A 82 4.11 -5.75 -21.56
CA LEU A 82 5.04 -6.78 -21.11
C LEU A 82 4.32 -7.91 -20.37
N GLY A 83 2.99 -7.88 -20.40
CA GLY A 83 2.19 -8.88 -19.71
C GLY A 83 2.21 -8.70 -18.21
N ILE A 84 2.45 -7.46 -17.79
CA ILE A 84 2.57 -7.13 -16.37
C ILE A 84 1.42 -6.25 -15.92
N GLY A 85 0.74 -6.64 -14.85
CA GLY A 85 -0.41 -5.91 -14.37
C GLY A 85 -1.24 -6.70 -13.40
N GLY A 86 -2.32 -6.11 -12.92
CA GLY A 86 -3.25 -6.83 -12.08
C GLY A 86 -3.47 -6.23 -10.70
N LEU A 87 -3.65 -7.13 -9.74
CA LEU A 87 -4.09 -6.77 -8.39
C LEU A 87 -3.16 -5.77 -7.72
N GLN A 88 -3.73 -4.62 -7.32
CA GLN A 88 -3.03 -3.55 -6.62
C GLN A 88 -1.97 -2.88 -7.50
N GLY A 89 -2.13 -3.04 -8.80
CA GLY A 89 -1.43 -2.20 -9.78
C GLY A 89 -2.34 -1.91 -10.95
N GLU A 90 -3.64 -1.85 -10.69
CA GLU A 90 -4.61 -1.57 -11.73
C GLU A 90 -4.39 -0.17 -12.31
N ASP A 91 -3.93 0.73 -11.44
CA ASP A 91 -3.63 2.10 -11.82
C ASP A 91 -2.20 2.43 -11.41
N MET A 92 -1.29 2.42 -12.35
CA MET A 92 0.10 2.74 -12.05
C MET A 92 0.53 4.06 -12.69
N MET A 93 1.21 4.86 -11.90
CA MET A 93 1.87 6.07 -12.38
C MET A 93 3.35 5.98 -12.08
N TRP A 94 4.15 5.91 -13.12
CA TRP A 94 5.60 5.87 -12.96
C TRP A 94 6.16 7.27 -12.97
N VAL A 95 7.14 7.51 -12.11
CA VAL A 95 7.76 8.84 -12.04
C VAL A 95 9.28 8.73 -12.20
N GLU A 96 9.85 9.66 -12.96
CA GLU A 96 11.22 9.54 -13.44
C GLU A 96 12.23 10.32 -12.60
N ASN A 97 13.17 9.60 -12.00
CA ASN A 97 14.33 10.27 -11.40
C ASN A 97 15.21 10.94 -12.45
N THR A 98 15.69 12.14 -12.13
CA THR A 98 16.59 12.87 -13.01
C THR A 98 17.72 13.47 -12.21
N ASP A 99 18.58 14.26 -12.86
CA ASP A 99 19.61 14.99 -12.15
C ASP A 99 19.02 16.08 -11.25
N GLU A 100 17.77 16.47 -11.53
CA GLU A 100 17.14 17.59 -10.81
C GLU A 100 16.11 17.14 -9.78
N VAL A 101 15.61 15.91 -9.91
CA VAL A 101 14.49 15.45 -9.10
C VAL A 101 14.70 14.03 -8.59
N HIS A 102 14.41 13.81 -7.33
CA HIS A 102 14.39 12.46 -6.80
C HIS A 102 13.02 12.13 -6.22
N HIS A 103 12.48 10.96 -6.58
CA HIS A 103 11.16 10.52 -6.12
C HIS A 103 11.25 9.41 -5.09
N VAL A 104 10.36 9.43 -4.11
CA VAL A 104 10.27 8.34 -3.15
C VAL A 104 8.79 8.13 -2.82
N VAL A 105 8.38 6.87 -2.65
CA VAL A 105 6.97 6.52 -2.52
CA VAL A 105 6.96 6.58 -2.48
C VAL A 105 6.66 5.97 -1.11
N VAL A 106 5.43 6.24 -0.65
CA VAL A 106 5.00 5.82 0.68
C VAL A 106 3.50 5.64 0.68
N CYS A 107 3.00 4.83 1.61
CA CYS A 107 1.59 4.85 1.93
C CYS A 107 1.47 5.23 3.42
N THR A 108 1.29 6.52 3.71
CA THR A 108 1.28 6.92 5.12
C THR A 108 0.08 6.36 5.86
N LEU A 109 -1.02 6.12 5.15
CA LEU A 109 -2.25 5.70 5.81
C LEU A 109 -2.33 4.19 6.04
N SER A 111 -0.37 0.80 3.69
CA SER A 111 0.69 -0.08 3.18
C SER A 111 0.67 -0.24 1.66
N CYS A 112 -0.15 0.58 0.99
CA CYS A 112 -0.34 0.48 -0.43
C CYS A 112 0.96 0.47 -1.21
N TYR A 113 1.00 -0.38 -2.23
CA TYR A 113 2.25 -0.77 -2.88
C TYR A 113 1.92 -1.47 -4.20
N PRO A 114 2.73 -1.23 -5.24
CA PRO A 114 2.38 -1.73 -6.58
C PRO A 114 2.73 -3.21 -6.75
N TRP A 115 1.85 -4.08 -6.26
CA TRP A 115 2.14 -5.52 -6.27
C TRP A 115 2.54 -6.09 -7.64
N PRO A 116 1.88 -5.69 -8.74
CA PRO A 116 2.23 -6.37 -9.99
C PRO A 116 3.67 -6.18 -10.46
N VAL A 117 4.33 -5.10 -10.04
CA VAL A 117 5.71 -4.85 -10.45
C VAL A 117 6.72 -5.09 -9.33
N LEU A 118 6.28 -5.07 -8.07
CA LEU A 118 7.23 -5.21 -6.97
C LEU A 118 6.94 -6.39 -6.06
N GLY A 119 5.82 -7.07 -6.27
CA GLY A 119 5.39 -8.08 -5.32
C GLY A 119 4.91 -7.44 -4.01
N LEU A 120 4.79 -8.25 -2.96
CA LEU A 120 4.34 -7.73 -1.69
C LEU A 120 5.45 -6.89 -1.06
N PRO A 121 5.08 -5.83 -0.34
CA PRO A 121 6.10 -4.93 0.20
C PRO A 121 6.86 -5.55 1.35
N PRO A 122 8.10 -5.11 1.54
CA PRO A 122 8.86 -5.53 2.73
C PRO A 122 8.22 -4.94 3.98
N ASN A 123 8.44 -5.58 5.12
CA ASN A 123 7.75 -5.14 6.32
C ASN A 123 8.06 -3.70 6.72
N TRP A 124 9.28 -3.24 6.49
CA TRP A 124 9.64 -1.88 6.90
C TRP A 124 8.79 -0.84 6.16
N PHE A 125 8.41 -1.14 4.93
CA PHE A 125 7.58 -0.21 4.15
C PHE A 125 6.19 -0.07 4.77
N LYS A 126 5.71 -1.14 5.37
CA LYS A 126 4.37 -1.20 5.93
C LYS A 126 4.34 -0.67 7.35
N GLU A 127 5.51 -0.48 7.93
CA GLU A 127 5.58 -0.17 9.37
C GLU A 127 5.58 1.36 9.64
N PRO A 128 5.23 1.75 10.88
CA PRO A 128 4.96 3.18 11.12
C PRO A 128 6.22 4.05 11.11
N GLN A 129 7.39 3.45 11.29
CA GLN A 129 8.63 4.24 11.36
C GLN A 129 8.96 4.90 10.00
N TYR A 130 8.95 4.11 8.93
CA TYR A 130 9.18 4.68 7.61
C TYR A 130 8.04 5.59 7.19
N ARG A 131 6.81 5.11 7.35
CA ARG A 131 5.64 5.84 6.89
C ARG A 131 5.52 7.21 7.56
N SER A 132 5.83 7.30 8.84
CA SER A 132 5.64 8.57 9.56
C SER A 132 6.67 9.60 9.11
N ARG A 133 7.89 9.15 8.89
CA ARG A 133 9.00 10.08 8.75
C ARG A 133 9.26 10.51 7.31
N VAL A 134 8.94 9.66 6.34
CA VAL A 134 9.43 9.93 4.99
C VAL A 134 8.73 11.15 4.36
N VAL A 135 7.50 11.46 4.77
CA VAL A 135 6.85 12.66 4.23
C VAL A 135 7.34 13.94 4.91
N ARG A 136 7.99 13.80 6.06
CA ARG A 136 8.37 14.92 6.91
C ARG A 136 9.86 15.26 6.84
N GLU A 137 10.69 14.23 6.76
CA GLU A 137 12.15 14.40 6.69
C GLU A 137 12.77 13.44 5.68
N PRO A 138 12.32 13.49 4.42
CA PRO A 138 12.82 12.46 3.49
C PRO A 138 14.32 12.51 3.27
N ARG A 139 14.91 13.71 3.21
CA ARG A 139 16.34 13.82 2.92
C ARG A 139 17.13 13.18 4.06
N GLN A 140 16.71 13.47 5.29
CA GLN A 140 17.40 12.94 6.45
CA GLN A 140 17.37 12.94 6.48
C GLN A 140 17.18 11.42 6.58
N LEU A 141 15.95 10.98 6.29
CA LEU A 141 15.65 9.55 6.35
CA LEU A 141 15.62 9.56 6.32
C LEU A 141 16.45 8.78 5.31
N LEU A 142 16.52 9.28 4.08
CA LEU A 142 17.28 8.57 3.05
C LEU A 142 18.75 8.46 3.47
N LYS A 143 19.30 9.51 4.04
CA LYS A 143 20.71 9.47 4.45
C LYS A 143 20.91 8.49 5.59
N GLU A 144 20.12 8.63 6.65
CA GLU A 144 20.35 7.89 7.88
C GLU A 144 19.99 6.41 7.78
N GLU A 145 18.87 6.10 7.15
CA GLU A 145 18.43 4.71 7.08
C GLU A 145 19.02 3.95 5.88
N PHE A 146 19.18 4.63 4.76
CA PHE A 146 19.57 3.95 3.53
C PHE A 146 20.94 4.36 3.01
N GLY A 147 21.63 5.24 3.73
CA GLY A 147 22.96 5.65 3.32
C GLY A 147 22.99 6.38 1.99
N PHE A 148 21.88 7.03 1.67
CA PHE A 148 21.66 7.63 0.36
C PHE A 148 21.55 9.14 0.53
N GLU A 149 22.58 9.86 0.11
CA GLU A 149 22.64 11.30 0.31
C GLU A 149 22.15 12.07 -0.92
N VAL A 150 21.03 12.75 -0.78
CA VAL A 150 20.48 13.56 -1.85
C VAL A 150 20.85 15.01 -1.57
N PRO A 151 21.71 15.61 -2.41
CA PRO A 151 22.18 16.98 -2.17
C PRO A 151 21.01 17.94 -1.95
N PRO A 152 21.15 18.88 -1.00
CA PRO A 152 20.05 19.78 -0.60
C PRO A 152 19.46 20.57 -1.76
N SER A 153 20.27 20.83 -2.79
CA SER A 153 19.80 21.57 -3.95
C SER A 153 18.94 20.72 -4.89
N LYS A 154 18.92 19.41 -4.66
CA LYS A 154 18.11 18.54 -5.50
C LYS A 154 16.73 18.32 -4.88
N GLU A 155 15.68 18.47 -5.69
CA GLU A 155 14.34 18.36 -5.14
C GLU A 155 13.99 16.92 -4.81
N ILE A 156 13.39 16.71 -3.65
CA ILE A 156 12.81 15.41 -3.33
C ILE A 156 11.29 15.48 -3.36
N LYS A 157 10.71 14.61 -4.17
CA LYS A 157 9.26 14.53 -4.27
C LYS A 157 8.83 13.24 -3.60
N VAL A 158 8.00 13.36 -2.56
CA VAL A 158 7.47 12.19 -1.88
C VAL A 158 6.03 11.98 -2.36
N TRP A 159 5.73 10.76 -2.81
CA TRP A 159 4.41 10.43 -3.33
C TRP A 159 3.65 9.57 -2.32
N ASP A 160 2.59 10.13 -1.76
CA ASP A 160 1.81 9.43 -0.74
C ASP A 160 0.60 8.79 -1.40
N SER A 161 0.55 7.47 -1.39
CA SER A 161 -0.47 6.70 -2.09
C SER A 161 -1.77 6.66 -1.32
N SER A 162 -2.51 7.77 -1.34
CA SER A 162 -3.77 7.85 -0.61
C SER A 162 -4.95 7.30 -1.40
N SER A 163 -4.75 7.06 -2.70
CA SER A 163 -5.82 6.54 -3.55
C SER A 163 -5.40 5.18 -4.10
N GLU A 164 -6.12 4.69 -5.11
CA GLU A 164 -5.71 3.45 -5.75
C GLU A 164 -4.65 3.68 -6.82
N MET A 165 -4.29 4.94 -7.05
N MET A 165 -4.27 4.93 -7.05
CA MET A 165 -3.13 5.23 -7.89
CA MET A 165 -3.14 5.21 -7.93
C MET A 165 -1.90 4.64 -7.22
C MET A 165 -1.89 4.69 -7.25
N ARG A 166 -1.11 3.90 -7.98
CA ARG A 166 0.10 3.30 -7.43
C ARG A 166 1.31 3.94 -8.09
N PHE A 167 2.16 4.55 -7.27
CA PHE A 167 3.34 5.24 -7.77
C PHE A 167 4.55 4.35 -7.77
N VAL A 168 5.30 4.37 -8.88
CA VAL A 168 6.49 3.55 -9.03
C VAL A 168 7.62 4.44 -9.55
N VAL A 169 8.81 4.29 -8.99
CA VAL A 169 9.92 5.14 -9.38
C VAL A 169 10.72 4.49 -10.50
N LEU A 170 10.94 5.25 -11.56
CA LEU A 170 11.88 4.87 -12.60
C LEU A 170 13.25 5.47 -12.26
N PRO A 171 14.16 4.64 -11.72
CA PRO A 171 15.44 5.20 -11.31
C PRO A 171 16.28 5.56 -12.53
N GLN A 172 17.23 6.47 -12.33
CA GLN A 172 18.17 6.81 -13.38
C GLN A 172 19.06 5.63 -13.69
N ARG A 173 19.40 5.50 -14.97
CA ARG A 173 20.34 4.48 -15.41
C ARG A 173 21.74 4.82 -14.94
N PRO A 174 22.38 3.89 -14.21
CA PRO A 174 23.75 4.13 -13.73
C PRO A 174 24.75 4.40 -14.84
N ALA A 175 25.73 5.27 -14.56
CA ALA A 175 26.80 5.53 -15.50
C ALA A 175 27.63 4.26 -15.67
N GLY A 176 28.34 4.18 -16.80
CA GLY A 176 29.18 3.03 -17.08
C GLY A 176 28.44 1.81 -17.61
N THR A 177 27.21 2.00 -18.10
CA THR A 177 26.40 0.89 -18.59
C THR A 177 26.06 1.00 -20.07
N ASP A 178 26.78 1.85 -20.79
CA ASP A 178 26.49 2.05 -22.21
C ASP A 178 26.49 0.73 -22.96
N GLY A 179 25.41 0.46 -23.68
CA GLY A 179 25.33 -0.69 -24.55
C GLY A 179 25.15 -2.02 -23.84
N TRP A 180 24.93 -1.99 -22.53
CA TRP A 180 24.66 -3.22 -21.79
C TRP A 180 23.37 -3.85 -22.29
N SER A 181 23.28 -5.18 -22.17
CA SER A 181 22.06 -5.89 -22.50
C SER A 181 20.98 -5.62 -21.45
N GLU A 182 19.73 -5.87 -21.80
CA GLU A 182 18.65 -5.75 -20.84
C GLU A 182 18.88 -6.67 -19.64
N GLU A 183 19.40 -7.88 -19.87
CA GLU A 183 19.63 -8.79 -18.75
C GLU A 183 20.70 -8.24 -17.80
N GLU A 184 21.79 -7.72 -18.37
CA GLU A 184 22.85 -7.12 -17.55
C GLU A 184 22.35 -5.90 -16.79
N LEU A 185 21.59 -5.04 -17.46
CA LEU A 185 21.02 -3.87 -16.80
C LEU A 185 20.09 -4.23 -15.64
N ALA A 186 19.34 -5.31 -15.79
CA ALA A 186 18.36 -5.72 -14.79
C ALA A 186 19.02 -6.05 -13.45
N THR A 187 20.28 -6.47 -13.48
CA THR A 187 20.98 -6.78 -12.23
C THR A 187 21.17 -5.54 -11.36
N LEU A 188 21.05 -4.36 -11.96
CA LEU A 188 21.26 -3.11 -11.23
C LEU A 188 19.97 -2.59 -10.62
N VAL A 189 18.85 -3.15 -11.07
CA VAL A 189 17.55 -2.63 -10.66
C VAL A 189 17.04 -3.40 -9.44
N THR A 190 16.84 -2.67 -8.36
CA THR A 190 16.36 -3.25 -7.11
C THR A 190 14.95 -2.80 -6.76
N ARG A 191 14.28 -3.59 -5.93
CA ARG A 191 13.06 -3.16 -5.27
C ARG A 191 13.22 -1.75 -4.69
N GLU A 192 14.32 -1.54 -3.99
CA GLU A 192 14.55 -0.27 -3.30
C GLU A 192 14.64 0.89 -4.30
N SER A 193 15.24 0.66 -5.45
CA SER A 193 15.40 1.69 -6.47
C SER A 193 14.05 2.08 -7.09
N MET A 194 13.08 1.18 -7.03
CA MET A 194 11.75 1.46 -7.58
C MET A 194 10.79 2.01 -6.52
N ILE A 195 11.20 1.94 -5.26
CA ILE A 195 10.51 2.66 -4.17
C ILE A 195 11.07 4.09 -4.05
N GLY A 196 12.34 4.25 -4.42
CA GLY A 196 13.02 5.52 -4.33
C GLY A 196 13.90 5.69 -3.11
N VAL A 197 14.04 4.66 -2.29
CA VAL A 197 14.84 4.79 -1.07
C VAL A 197 16.34 4.54 -1.33
N GLU A 198 16.65 3.99 -2.50
CA GLU A 198 18.01 3.84 -2.99
C GLU A 198 18.06 4.16 -4.48
N PRO A 199 19.23 4.53 -4.99
CA PRO A 199 19.40 4.59 -6.44
C PRO A 199 19.55 3.17 -6.98
N ALA A 200 19.49 3.00 -8.30
CA ALA A 200 19.87 1.72 -8.89
C ALA A 200 21.33 1.46 -8.58
N LYS A 201 21.76 0.20 -8.63
CA LYS A 201 23.12 -0.15 -8.22
C LYS A 201 24.19 0.44 -9.14
N ALA A 202 25.22 1.02 -8.53
CA ALA A 202 26.32 1.59 -9.30
C ALA A 202 27.19 0.50 -9.90
N VAL A 203 28.01 0.91 -10.87
CA VAL A 203 29.08 0.10 -11.47
C VAL A 203 28.49 -0.88 -12.47
N MET B 1 -11.55 8.66 10.06
CA MET B 1 -11.38 9.06 11.47
C MET B 1 -9.96 9.50 11.76
N ASN B 2 -9.79 10.23 12.86
CA ASN B 2 -8.49 10.74 13.31
C ASN B 2 -7.71 9.69 14.08
N GLY B 3 -7.51 8.53 13.48
CA GLY B 3 -6.88 7.43 14.19
C GLY B 3 -5.37 7.52 14.18
N VAL B 4 -4.75 6.77 15.09
CA VAL B 4 -3.29 6.75 15.18
C VAL B 4 -2.65 6.15 13.92
N TYR B 5 -3.38 5.29 13.21
CA TYR B 5 -2.91 4.72 11.93
C TYR B 5 -2.45 5.79 10.94
N ASP B 6 -3.02 6.99 11.05
CA ASP B 6 -2.72 8.11 10.16
C ASP B 6 -1.41 8.73 10.64
N VAL B 7 -0.30 8.09 10.26
CA VAL B 7 0.98 8.39 10.93
C VAL B 7 1.84 9.39 10.20
N GLY B 8 1.43 9.84 9.02
CA GLY B 8 2.24 10.81 8.28
C GLY B 8 2.56 12.03 9.12
N GLY B 9 3.84 12.27 9.34
CA GLY B 9 4.26 13.42 10.13
C GLY B 9 4.42 13.17 11.62
N THR B 10 4.01 12.00 12.09
CA THR B 10 4.17 11.71 13.51
C THR B 10 5.65 11.52 13.85
N ASP B 11 6.08 12.13 14.96
CA ASP B 11 7.45 11.98 15.48
C ASP B 11 7.52 10.93 16.59
N GLY B 12 8.72 10.39 16.82
CA GLY B 12 8.96 9.54 17.99
C GLY B 12 8.61 8.06 17.85
N LEU B 13 8.32 7.63 16.62
CA LEU B 13 7.92 6.23 16.39
C LEU B 13 9.13 5.29 16.35
N GLY B 14 10.33 5.86 16.26
CA GLY B 14 11.55 5.05 16.40
C GLY B 14 12.25 4.78 15.08
N PRO B 15 13.40 4.09 15.16
CA PRO B 15 14.19 3.78 13.96
C PRO B 15 13.52 2.70 13.15
N ILE B 16 13.79 2.71 11.85
CA ILE B 16 13.26 1.71 10.94
C ILE B 16 13.92 0.38 11.28
N ASN B 17 13.11 -0.67 11.36
CA ASN B 17 13.62 -2.01 11.51
C ASN B 17 13.65 -2.68 10.15
N ARG B 18 14.86 -2.88 9.62
CA ARG B 18 15.00 -3.36 8.26
C ARG B 18 16.06 -4.45 8.21
N PRO B 19 15.65 -5.71 8.42
CA PRO B 19 16.60 -6.82 8.29
C PRO B 19 17.18 -6.85 6.88
N ALA B 20 18.39 -7.36 6.75
CA ALA B 20 19.09 -7.33 5.47
C ALA B 20 18.31 -8.09 4.41
N ASP B 21 17.63 -9.14 4.85
CA ASP B 21 16.72 -9.87 4.00
C ASP B 21 15.59 -10.41 4.87
N GLU B 22 14.56 -10.93 4.23
CA GLU B 22 13.38 -11.41 4.93
C GLU B 22 12.52 -12.20 3.95
N PRO B 23 11.80 -13.21 4.46
CA PRO B 23 10.90 -13.97 3.58
C PRO B 23 9.63 -13.19 3.32
N VAL B 24 8.93 -13.56 2.25
CA VAL B 24 7.64 -12.96 1.96
C VAL B 24 6.68 -13.22 3.12
N PHE B 25 6.64 -14.47 3.57
CA PHE B 25 5.82 -14.85 4.72
C PHE B 25 6.71 -15.39 5.83
N ARG B 26 6.60 -14.80 7.01
CA ARG B 26 7.51 -15.10 8.09
C ARG B 26 7.02 -16.27 8.91
N ALA B 27 5.76 -16.66 8.72
CA ALA B 27 5.16 -17.79 9.43
C ALA B 27 3.94 -18.28 8.67
N GLU B 28 3.52 -19.52 8.94
CA GLU B 28 2.40 -20.08 8.18
C GLU B 28 1.13 -19.27 8.39
N TRP B 29 0.96 -18.69 9.59
CA TRP B 29 -0.27 -17.95 9.84
C TRP B 29 -0.36 -16.72 8.95
N GLU B 30 0.78 -16.19 8.53
CA GLU B 30 0.77 -15.03 7.62
C GLU B 30 0.24 -15.40 6.24
N LYS B 31 0.60 -16.59 5.73
CA LYS B 31 0.06 -17.06 4.46
C LYS B 31 -1.45 -17.16 4.56
N VAL B 32 -1.95 -17.68 5.68
CA VAL B 32 -3.37 -17.82 5.86
C VAL B 32 -4.04 -16.45 5.91
N ALA B 33 -3.48 -15.55 6.69
CA ALA B 33 -4.03 -14.19 6.81
C ALA B 33 -4.13 -13.48 5.46
N PHE B 34 -3.07 -13.61 4.67
CA PHE B 34 -3.01 -13.05 3.34
C PHE B 34 -4.12 -13.62 2.44
N ALA B 35 -4.22 -14.95 2.37
CA ALA B 35 -5.19 -15.59 1.49
C ALA B 35 -6.63 -15.34 1.93
N MET B 36 -6.82 -15.03 3.21
CA MET B 36 -8.16 -14.71 3.69
C MET B 36 -8.73 -13.44 3.05
N PHE B 37 -7.88 -12.63 2.42
CA PHE B 37 -8.40 -11.38 1.85
C PHE B 37 -9.31 -11.69 0.64
N PRO B 38 -8.80 -12.35 -0.41
CA PRO B 38 -9.75 -12.65 -1.49
C PRO B 38 -10.93 -13.52 -1.03
N ALA B 39 -10.71 -14.40 -0.05
CA ALA B 39 -11.81 -15.25 0.44
C ALA B 39 -12.94 -14.42 1.07
N THR B 40 -12.59 -13.51 1.96
CA THR B 40 -13.62 -12.72 2.64
C THR B 40 -14.20 -11.66 1.72
N PHE B 41 -13.38 -11.16 0.79
CA PHE B 41 -13.85 -10.23 -0.23
C PHE B 41 -14.91 -10.91 -1.11
N ARG B 42 -14.61 -12.09 -1.62
CA ARG B 42 -15.57 -12.80 -2.47
C ARG B 42 -16.89 -13.10 -1.73
N ALA B 43 -16.76 -13.40 -0.43
CA ALA B 43 -17.90 -13.76 0.40
C ALA B 43 -18.68 -12.53 0.90
N GLY B 44 -18.22 -11.35 0.55
CA GLY B 44 -18.97 -10.15 0.85
C GLY B 44 -18.83 -9.66 2.28
N PHE B 45 -17.77 -10.05 2.95
CA PHE B 45 -17.45 -9.47 4.27
C PHE B 45 -17.24 -7.95 4.17
N MET B 46 -16.54 -7.52 3.14
CA MET B 46 -16.11 -6.15 3.01
CA MET B 46 -16.19 -6.12 2.98
C MET B 46 -15.54 -5.89 1.64
N GLY B 47 -15.59 -4.65 1.17
CA GLY B 47 -14.82 -4.23 0.02
C GLY B 47 -13.51 -3.63 0.52
N LEU B 48 -12.72 -3.09 -0.39
CA LEU B 48 -11.36 -2.66 -0.04
C LEU B 48 -11.36 -1.49 0.96
N ASP B 49 -12.22 -0.50 0.72
CA ASP B 49 -12.29 0.67 1.57
C ASP B 49 -12.76 0.28 2.98
N GLU B 50 -13.76 -0.60 3.04
CA GLU B 50 -14.22 -1.12 4.32
C GLU B 50 -13.12 -1.91 5.05
N PHE B 51 -12.37 -2.69 4.30
CA PHE B 51 -11.22 -3.43 4.83
C PHE B 51 -10.28 -2.48 5.58
N ARG B 52 -9.91 -1.39 4.91
CA ARG B 52 -9.03 -0.40 5.54
C ARG B 52 -9.64 0.17 6.81
N PHE B 53 -10.93 0.49 6.75
CA PHE B 53 -11.60 1.10 7.92
C PHE B 53 -11.60 0.17 9.15
N GLY B 54 -11.72 -1.13 8.93
CA GLY B 54 -11.64 -2.09 10.03
C GLY B 54 -10.30 -2.02 10.73
N ILE B 55 -9.24 -1.93 9.94
CA ILE B 55 -7.88 -1.81 10.51
C ILE B 55 -7.74 -0.51 11.28
N GLU B 56 -8.31 0.56 10.75
CA GLU B 56 -8.21 1.88 11.38
C GLU B 56 -8.88 1.92 12.75
N GLN B 57 -9.77 0.96 13.03
CA GLN B 57 -10.49 0.93 14.29
C GLN B 57 -9.80 0.06 15.36
N MET B 58 -8.61 -0.45 15.04
CA MET B 58 -7.85 -1.23 16.01
C MET B 58 -7.47 -0.42 17.24
N ASN B 59 -7.24 -1.13 18.35
CA ASN B 59 -6.53 -0.59 19.49
C ASN B 59 -5.23 0.00 18.95
N PRO B 60 -4.97 1.29 19.19
CA PRO B 60 -3.80 1.89 18.54
C PRO B 60 -2.47 1.33 19.02
N ALA B 61 -2.36 0.95 20.29
CA ALA B 61 -1.10 0.37 20.76
C ALA B 61 -0.88 -0.99 20.09
N GLU B 62 -1.95 -1.75 19.92
CA GLU B 62 -1.87 -3.03 19.21
C GLU B 62 -1.51 -2.80 17.74
N TYR B 63 -2.14 -1.82 17.11
CA TYR B 63 -1.81 -1.48 15.72
C TYR B 63 -0.33 -1.18 15.55
N LEU B 64 0.20 -0.32 16.43
CA LEU B 64 1.56 0.19 16.27
C LEU B 64 2.63 -0.89 16.35
N GLU B 65 2.41 -1.94 17.16
CA GLU B 65 3.47 -2.92 17.41
C GLU B 65 3.17 -4.37 16.99
N SER B 66 1.98 -4.63 16.46
CA SER B 66 1.68 -6.01 16.08
C SER B 66 2.21 -6.30 14.69
N PRO B 67 2.46 -7.60 14.40
CA PRO B 67 2.84 -7.98 13.04
C PRO B 67 1.77 -7.51 12.06
N TYR B 68 2.22 -7.04 10.91
CA TYR B 68 1.33 -6.47 9.90
C TYR B 68 0.09 -7.32 9.61
N TYR B 69 0.25 -8.60 9.34
CA TYR B 69 -0.91 -9.38 8.92
C TYR B 69 -1.91 -9.59 10.06
N TRP B 70 -1.50 -9.30 11.29
CA TRP B 70 -2.46 -9.32 12.39
C TRP B 70 -3.53 -8.24 12.17
N HIS B 71 -3.15 -7.12 11.56
CA HIS B 71 -4.10 -6.07 11.21
C HIS B 71 -5.20 -6.64 10.33
N TRP B 72 -4.80 -7.47 9.37
CA TRP B 72 -5.75 -8.05 8.45
C TRP B 72 -6.72 -8.97 9.20
N ILE B 73 -6.19 -9.77 10.13
CA ILE B 73 -7.04 -10.64 10.94
C ILE B 73 -8.08 -9.81 11.71
N ARG B 74 -7.65 -8.68 12.28
CA ARG B 74 -8.59 -7.86 13.05
C ARG B 74 -9.72 -7.36 12.16
N THR B 75 -9.40 -6.97 10.94
CA THR B 75 -10.46 -6.40 10.12
C THR B 75 -11.41 -7.50 9.61
N TYR B 76 -10.89 -8.72 9.38
CA TYR B 76 -11.77 -9.83 9.00
C TYR B 76 -12.78 -10.09 10.09
N ILE B 77 -12.29 -10.14 11.33
CA ILE B 77 -13.17 -10.41 12.46
C ILE B 77 -14.17 -9.27 12.64
N HIS B 78 -13.69 -8.03 12.53
CA HIS B 78 -14.55 -6.86 12.63
C HIS B 78 -15.72 -6.95 11.66
N HIS B 79 -15.42 -7.25 10.40
CA HIS B 79 -16.48 -7.31 9.40
C HIS B 79 -17.28 -8.59 9.47
N GLY B 80 -16.66 -9.69 9.90
CA GLY B 80 -17.41 -10.91 10.15
C GLY B 80 -18.49 -10.69 11.19
N VAL B 81 -18.15 -9.98 12.26
CA VAL B 81 -19.11 -9.68 13.31
C VAL B 81 -20.15 -8.66 12.81
N ARG B 82 -19.68 -7.63 12.12
CA ARG B 82 -20.57 -6.60 11.57
C ARG B 82 -21.67 -7.18 10.69
N THR B 83 -21.30 -8.14 9.83
CA THR B 83 -22.23 -8.74 8.89
C THR B 83 -22.96 -9.96 9.44
N GLY B 84 -22.62 -10.36 10.66
CA GLY B 84 -23.23 -11.54 11.27
C GLY B 84 -22.74 -12.85 10.70
N LYS B 85 -21.64 -12.82 9.96
CA LYS B 85 -21.08 -14.03 9.38
C LYS B 85 -20.12 -14.75 10.34
N ILE B 86 -19.66 -14.06 11.36
CA ILE B 86 -18.79 -14.68 12.38
C ILE B 86 -19.42 -14.52 13.75
N ASP B 87 -19.64 -15.64 14.43
CA ASP B 87 -20.10 -15.61 15.81
C ASP B 87 -18.87 -15.48 16.73
N LEU B 88 -18.82 -14.39 17.50
CA LEU B 88 -17.65 -14.10 18.34
CA LEU B 88 -17.65 -14.10 18.31
C LEU B 88 -17.42 -15.15 19.40
N GLU B 89 -18.51 -15.63 19.99
CA GLU B 89 -18.39 -16.58 21.08
C GLU B 89 -17.82 -17.90 20.57
N GLU B 90 -18.23 -18.28 19.37
CA GLU B 90 -17.72 -19.51 18.75
C GLU B 90 -16.24 -19.33 18.41
N LEU B 91 -15.88 -18.15 17.92
CA LEU B 91 -14.49 -17.84 17.58
C LEU B 91 -13.60 -17.94 18.81
N GLU B 92 -14.10 -17.40 19.92
CA GLU B 92 -13.33 -17.45 21.17
C GLU B 92 -13.15 -18.89 21.65
N ARG B 93 -14.21 -19.68 21.59
CA ARG B 93 -14.10 -21.09 21.96
C ARG B 93 -13.06 -21.82 21.07
N ARG B 94 -13.13 -21.59 19.77
CA ARG B 94 -12.20 -22.27 18.86
C ARG B 94 -10.78 -21.80 19.04
N THR B 95 -10.60 -20.55 19.43
CA THR B 95 -9.27 -20.03 19.71
C THR B 95 -8.64 -20.77 20.89
N GLN B 96 -9.41 -20.93 21.97
CA GLN B 96 -8.92 -21.68 23.12
C GLN B 96 -8.63 -23.13 22.72
N TYR B 97 -9.47 -23.69 21.86
CA TYR B 97 -9.25 -25.08 21.45
C TYR B 97 -7.92 -25.23 20.74
N TYR B 98 -7.59 -24.29 19.86
CA TYR B 98 -6.34 -24.39 19.10
C TYR B 98 -5.16 -23.87 19.91
N ARG B 99 -5.41 -23.10 20.96
CA ARG B 99 -4.36 -22.83 21.95
C ARG B 99 -3.90 -24.14 22.58
N GLU B 100 -4.88 -24.94 23.02
CA GLU B 100 -4.60 -26.16 23.77
C GLU B 100 -4.19 -27.31 22.86
N ASN B 101 -4.67 -27.26 21.61
CA ASN B 101 -4.45 -28.31 20.63
C ASN B 101 -3.95 -27.72 19.31
N PRO B 102 -2.73 -27.20 19.31
CA PRO B 102 -2.27 -26.47 18.14
C PRO B 102 -2.14 -27.35 16.90
N ASP B 103 -1.96 -28.64 17.07
CA ASP B 103 -1.83 -29.53 15.92
C ASP B 103 -3.11 -30.26 15.56
N ALA B 104 -4.23 -29.86 16.17
CA ALA B 104 -5.52 -30.41 15.81
C ALA B 104 -5.84 -30.06 14.36
N PRO B 105 -6.56 -30.93 13.65
CA PRO B 105 -6.82 -30.68 12.22
C PRO B 105 -7.78 -29.53 12.00
N LEU B 106 -7.70 -28.96 10.80
CA LEU B 106 -8.72 -28.05 10.31
C LEU B 106 -9.93 -28.89 9.93
N PRO B 107 -11.11 -28.24 9.83
CA PRO B 107 -12.31 -28.98 9.43
C PRO B 107 -12.18 -29.62 8.06
N GLU B 108 -12.80 -30.78 7.91
CA GLU B 108 -12.89 -31.43 6.62
C GLU B 108 -13.63 -30.50 5.66
N HIS B 109 -13.17 -30.45 4.42
CA HIS B 109 -13.80 -29.58 3.44
C HIS B 109 -13.47 -30.00 2.03
N GLU B 110 -14.34 -29.64 1.11
CA GLU B 110 -14.12 -29.88 -0.30
C GLU B 110 -13.32 -28.74 -0.89
N GLN B 111 -12.42 -29.05 -1.83
CA GLN B 111 -11.77 -27.98 -2.58
C GLN B 111 -12.75 -27.46 -3.61
N LYS B 112 -12.57 -26.20 -4.00
CA LYS B 112 -13.48 -25.54 -4.92
C LYS B 112 -12.72 -24.88 -6.05
N PRO B 113 -12.88 -25.39 -7.28
CA PRO B 113 -12.23 -24.81 -8.45
C PRO B 113 -12.54 -23.34 -8.60
N GLU B 114 -13.77 -22.94 -8.24
CA GLU B 114 -14.18 -21.57 -8.46
C GLU B 114 -13.37 -20.59 -7.60
N LEU B 115 -12.83 -21.06 -6.48
CA LEU B 115 -12.04 -20.19 -5.61
C LEU B 115 -10.66 -19.99 -6.21
N ILE B 116 -10.14 -21.01 -6.88
CA ILE B 116 -8.87 -20.86 -7.58
C ILE B 116 -9.05 -19.92 -8.77
N GLU B 117 -10.15 -20.07 -9.49
CA GLU B 117 -10.43 -19.19 -10.63
C GLU B 117 -10.54 -17.75 -10.15
N PHE B 118 -11.19 -17.55 -9.00
CA PHE B 118 -11.31 -16.21 -8.44
C PHE B 118 -9.95 -15.62 -8.14
N VAL B 119 -9.09 -16.40 -7.48
CA VAL B 119 -7.74 -15.94 -7.16
C VAL B 119 -6.99 -15.55 -8.43
N ASN B 120 -6.99 -16.44 -9.42
CA ASN B 120 -6.27 -16.15 -10.65
C ASN B 120 -6.79 -14.90 -11.36
N GLN B 121 -8.11 -14.75 -11.43
CA GLN B 121 -8.69 -13.60 -12.10
CA GLN B 121 -8.70 -13.59 -12.10
C GLN B 121 -8.39 -12.29 -11.35
N ALA B 122 -8.53 -12.32 -10.03
CA ALA B 122 -8.23 -11.16 -9.20
C ALA B 122 -6.76 -10.75 -9.34
N VAL B 123 -5.85 -11.71 -9.22
CA VAL B 123 -4.43 -11.40 -9.28
C VAL B 123 -4.00 -10.85 -10.63
N TYR B 124 -4.38 -11.52 -11.72
CA TYR B 124 -3.88 -11.13 -13.01
C TYR B 124 -4.80 -10.14 -13.72
N GLY B 125 -6.09 -10.19 -13.42
CA GLY B 125 -7.03 -9.23 -13.99
C GLY B 125 -7.19 -7.96 -13.16
N GLY B 126 -6.96 -8.03 -11.86
CA GLY B 126 -7.11 -6.89 -10.98
C GLY B 126 -8.53 -6.63 -10.52
N LEU B 127 -8.68 -5.70 -9.58
CA LEU B 127 -9.99 -5.24 -9.15
C LEU B 127 -10.06 -3.73 -9.35
N PRO B 128 -10.11 -3.28 -10.61
CA PRO B 128 -10.01 -1.83 -10.85
C PRO B 128 -11.11 -1.02 -10.18
N ALA B 129 -10.71 0.11 -9.60
CA ALA B 129 -11.64 1.00 -8.88
C ALA B 129 -12.04 2.21 -9.73
N SER B 130 -11.50 2.31 -10.94
CA SER B 130 -11.89 3.40 -11.84
C SER B 130 -13.36 3.25 -12.29
N ARG B 131 -14.07 4.38 -12.37
CA ARG B 131 -15.47 4.37 -12.77
C ARG B 131 -15.79 5.54 -13.69
N GLU B 132 -16.83 5.40 -14.49
CA GLU B 132 -17.30 6.52 -15.30
C GLU B 132 -18.35 7.29 -14.51
N VAL B 133 -18.31 8.61 -14.58
CA VAL B 133 -19.37 9.44 -14.00
C VAL B 133 -19.88 10.41 -15.06
N ASP B 134 -21.04 10.99 -14.80
CA ASP B 134 -21.62 11.91 -15.77
C ASP B 134 -21.10 13.34 -15.66
N ARG B 135 -20.61 13.72 -14.49
CA ARG B 135 -20.14 15.09 -14.31
C ARG B 135 -18.70 15.23 -14.83
N PRO B 136 -18.37 16.40 -15.40
CA PRO B 136 -16.99 16.63 -15.81
C PRO B 136 -16.14 16.96 -14.58
N PRO B 137 -14.80 16.90 -14.69
CA PRO B 137 -13.96 17.30 -13.55
C PRO B 137 -14.11 18.78 -13.22
N LYS B 138 -14.16 19.09 -11.94
CA LYS B 138 -14.26 20.47 -11.48
C LYS B 138 -12.93 21.21 -11.59
N PHE B 139 -11.82 20.47 -11.49
CA PHE B 139 -10.48 21.06 -11.41
C PHE B 139 -9.56 20.57 -12.53
N LYS B 140 -8.46 21.26 -12.72
CA LYS B 140 -7.54 20.93 -13.80
C LYS B 140 -6.11 21.21 -13.37
N GLU B 141 -5.14 20.67 -14.11
CA GLU B 141 -3.73 20.89 -13.82
C GLU B 141 -3.43 22.37 -13.66
N GLY B 142 -2.73 22.72 -12.58
CA GLY B 142 -2.33 24.10 -12.37
C GLY B 142 -3.22 24.85 -11.38
N ASP B 143 -4.43 24.33 -11.15
CA ASP B 143 -5.32 24.93 -10.18
C ASP B 143 -4.73 24.87 -8.78
N VAL B 144 -4.82 26.00 -8.07
CA VAL B 144 -4.36 26.06 -6.70
C VAL B 144 -5.59 25.79 -5.83
N VAL B 145 -5.51 24.78 -4.98
CA VAL B 145 -6.69 24.33 -4.23
C VAL B 145 -6.36 24.18 -2.77
N ARG B 146 -7.38 24.13 -1.93
CA ARG B 146 -7.20 23.96 -0.49
CA ARG B 146 -7.16 23.93 -0.50
C ARG B 146 -7.89 22.68 -0.03
N PHE B 147 -7.19 21.86 0.77
CA PHE B 147 -7.74 20.61 1.29
C PHE B 147 -8.69 20.88 2.45
N SER B 148 -9.77 20.13 2.47
CA SER B 148 -10.83 20.26 3.47
C SER B 148 -10.34 20.12 4.91
N THR B 149 -10.94 20.86 5.83
CA THR B 149 -10.64 20.67 7.25
C THR B 149 -11.66 19.74 7.92
N ALA B 150 -12.54 19.11 7.13
CA ALA B 150 -13.51 18.18 7.72
C ALA B 150 -12.79 17.04 8.41
N SER B 151 -13.44 16.49 9.43
CA SER B 151 -12.82 15.46 10.26
C SER B 151 -13.82 14.34 10.54
N PRO B 152 -14.22 13.63 9.49
CA PRO B 152 -15.23 12.58 9.64
C PRO B 152 -14.79 11.50 10.62
N LYS B 153 -15.72 10.98 11.40
CA LYS B 153 -15.41 9.87 12.30
C LYS B 153 -15.28 8.57 11.51
N GLY B 154 -16.04 8.48 10.43
CA GLY B 154 -16.03 7.31 9.57
C GLY B 154 -14.82 7.30 8.66
N HIS B 155 -14.76 6.32 7.79
CA HIS B 155 -13.62 6.16 6.91
C HIS B 155 -13.49 7.32 5.93
N ALA B 156 -12.26 7.76 5.71
CA ALA B 156 -11.90 8.72 4.67
C ALA B 156 -10.41 8.58 4.40
N ARG B 157 -9.93 9.23 3.34
CA ARG B 157 -8.51 9.26 3.04
C ARG B 157 -8.02 10.70 3.18
N ARG B 158 -8.16 11.23 4.39
CA ARG B 158 -7.89 12.63 4.71
C ARG B 158 -6.78 12.72 5.75
N ALA B 159 -5.54 12.43 5.37
CA ALA B 159 -4.44 12.44 6.35
C ALA B 159 -4.40 13.77 7.08
N ARG B 160 -4.28 13.72 8.40
CA ARG B 160 -4.30 14.96 9.16
C ARG B 160 -3.23 15.96 8.66
N TYR B 161 -2.10 15.48 8.17
CA TYR B 161 -1.02 16.42 7.83
C TYR B 161 -1.33 17.28 6.59
N VAL B 162 -2.33 16.91 5.80
CA VAL B 162 -2.67 17.75 4.63
C VAL B 162 -3.94 18.56 4.82
N ARG B 163 -4.67 18.35 5.90
CA ARG B 163 -5.92 19.09 6.08
C ARG B 163 -5.71 20.58 6.21
N GLY B 164 -6.53 21.34 5.49
CA GLY B 164 -6.45 22.79 5.50
C GLY B 164 -5.29 23.36 4.70
N LYS B 165 -4.51 22.50 4.06
CA LYS B 165 -3.33 22.93 3.32
C LYS B 165 -3.69 23.24 1.89
N THR B 166 -2.93 24.10 1.24
CA THR B 166 -3.44 24.50 -0.05
C THR B 166 -3.06 23.45 -1.14
N GLY B 167 -2.07 23.73 -1.98
CA GLY B 167 -1.57 22.79 -2.97
C GLY B 167 -1.94 23.09 -4.41
N THR B 168 -1.19 22.50 -5.35
CA THR B 168 -1.44 22.71 -6.77
C THR B 168 -1.84 21.40 -7.43
N VAL B 169 -2.91 21.44 -8.23
CA VAL B 169 -3.35 20.23 -8.89
C VAL B 169 -2.30 19.80 -9.91
N VAL B 170 -1.84 18.59 -9.69
CA VAL B 170 -0.96 17.83 -10.54
C VAL B 170 -1.73 16.55 -10.94
N LYS B 171 -2.49 16.64 -12.02
CA LYS B 171 -3.07 15.52 -12.76
C LYS B 171 -4.45 15.13 -12.25
N HIS B 172 -5.34 14.89 -13.21
CA HIS B 172 -6.72 14.49 -12.88
C HIS B 172 -7.14 12.96 -12.94
N HIS B 173 -6.34 12.05 -13.43
CA HIS B 173 -6.68 10.60 -13.34
C HIS B 173 -8.08 10.08 -13.75
N GLY B 174 -9.15 10.85 -13.65
CA GLY B 174 -10.50 10.29 -13.88
C GLY B 174 -11.24 10.04 -12.58
N ALA B 175 -12.40 9.38 -12.65
CA ALA B 175 -13.20 9.13 -11.44
C ALA B 175 -12.97 7.73 -10.87
N TYR B 176 -13.08 7.61 -9.55
CA TYR B 176 -12.82 6.36 -8.82
C TYR B 176 -13.81 6.20 -7.68
N ILE B 177 -13.98 4.97 -7.23
CA ILE B 177 -14.67 4.69 -5.97
C ILE B 177 -14.27 5.72 -4.91
N TYR B 178 -15.26 6.27 -4.22
CA TYR B 178 -15.06 7.30 -3.21
C TYR B 178 -14.98 6.65 -1.82
N PRO B 179 -13.82 6.74 -1.16
CA PRO B 179 -13.70 6.08 0.14
C PRO B 179 -14.69 6.55 1.20
N ASP B 180 -15.07 7.84 1.23
CA ASP B 180 -15.90 8.29 2.33
C ASP B 180 -17.31 7.69 2.29
N THR B 181 -17.72 7.23 1.11
CA THR B 181 -18.94 6.46 1.07
C THR B 181 -18.62 4.96 1.14
N ALA B 182 -17.72 4.49 0.28
CA ALA B 182 -17.50 3.05 0.19
C ALA B 182 -17.03 2.41 1.49
N GLY B 183 -16.11 3.07 2.20
CA GLY B 183 -15.56 2.52 3.43
C GLY B 183 -16.55 2.47 4.58
N ASN B 184 -17.66 3.18 4.42
CA ASN B 184 -18.68 3.28 5.45
C ASN B 184 -19.96 2.57 5.05
N GLY B 185 -19.88 1.73 4.02
CA GLY B 185 -21.01 0.92 3.62
C GLY B 185 -22.07 1.68 2.86
N LEU B 186 -21.67 2.81 2.26
CA LEU B 186 -22.61 3.69 1.59
C LEU B 186 -22.45 3.66 0.07
N GLY B 187 -21.67 2.71 -0.44
CA GLY B 187 -21.56 2.51 -1.87
C GLY B 187 -20.41 3.22 -2.56
N GLU B 188 -20.25 2.96 -3.85
CA GLU B 188 -19.08 3.45 -4.59
C GLU B 188 -19.09 4.95 -4.80
N CYS B 189 -20.26 5.51 -5.11
CA CYS B 189 -20.45 6.95 -5.32
C CYS B 189 -19.22 7.65 -5.89
N PRO B 190 -18.77 7.25 -7.07
CA PRO B 190 -17.44 7.67 -7.51
C PRO B 190 -17.28 9.17 -7.74
N GLU B 191 -16.04 9.62 -7.52
CA GLU B 191 -15.67 11.02 -7.62
C GLU B 191 -14.38 11.14 -8.41
N HIS B 192 -14.25 12.24 -9.14
CA HIS B 192 -12.99 12.56 -9.79
C HIS B 192 -11.84 12.61 -8.81
N LEU B 193 -10.68 12.20 -9.29
CA LEU B 193 -9.49 12.02 -8.47
C LEU B 193 -8.33 12.87 -9.00
N TYR B 194 -7.60 13.52 -8.10
CA TYR B 194 -6.50 14.39 -8.51
C TYR B 194 -5.27 14.13 -7.65
N THR B 195 -4.09 14.21 -8.23
CA THR B 195 -2.88 14.30 -7.42
C THR B 195 -2.60 15.79 -7.19
N VAL B 196 -2.35 16.15 -5.94
CA VAL B 196 -2.09 17.55 -5.57
C VAL B 196 -0.72 17.64 -4.91
N ARG B 197 0.05 18.65 -5.32
CA ARG B 197 1.40 18.88 -4.81
C ARG B 197 1.39 19.90 -3.66
N PHE B 198 1.95 19.50 -2.54
CA PHE B 198 2.08 20.36 -1.37
C PHE B 198 3.55 20.59 -1.03
N THR B 199 3.98 21.83 -0.88
CA THR B 199 5.38 22.05 -0.54
C THR B 199 5.64 21.61 0.91
N ALA B 200 6.89 21.25 1.20
CA ALA B 200 7.26 20.84 2.54
C ALA B 200 7.05 21.99 3.52
N GLN B 201 7.26 23.22 3.07
CA GLN B 201 7.08 24.36 3.97
C GLN B 201 5.60 24.60 4.24
N GLU B 202 4.74 24.36 3.25
CA GLU B 202 3.30 24.43 3.48
C GLU B 202 2.91 23.41 4.55
N LEU B 203 3.45 22.20 4.44
CA LEU B 203 3.06 21.12 5.35
C LEU B 203 3.65 21.26 6.76
N TRP B 204 4.93 21.61 6.84
CA TRP B 204 5.65 21.50 8.11
C TRP B 204 6.12 22.83 8.66
N GLY B 205 5.78 23.93 7.99
CA GLY B 205 6.14 25.23 8.51
C GLY B 205 7.41 25.82 7.93
N PRO B 206 7.69 27.09 8.29
CA PRO B 206 8.74 27.97 7.74
C PRO B 206 10.12 27.33 7.72
N GLU B 207 10.34 26.32 8.55
CA GLU B 207 11.65 25.68 8.61
C GLU B 207 11.71 24.42 7.75
N GLY B 208 10.62 24.08 7.06
CA GLY B 208 10.57 22.88 6.25
C GLY B 208 11.56 22.89 5.11
N ASP B 209 11.85 21.70 4.55
CA ASP B 209 12.78 21.57 3.43
C ASP B 209 12.33 22.45 2.27
N PRO B 210 13.13 23.47 1.92
CA PRO B 210 12.73 24.39 0.84
C PRO B 210 12.72 23.71 -0.52
N ASN B 211 13.34 22.53 -0.59
N ASN B 211 13.34 22.53 -0.60
CA ASN B 211 13.42 21.79 -1.84
CA ASN B 211 13.38 21.82 -1.86
C ASN B 211 12.79 20.41 -1.75
C ASN B 211 12.78 20.43 -1.79
N SER B 212 11.58 20.34 -1.19
CA SER B 212 10.85 19.09 -1.15
C SER B 212 9.38 19.37 -1.25
N SER B 213 8.66 18.45 -1.88
N SER B 213 8.64 18.44 -1.84
CA SER B 213 7.20 18.51 -1.92
CA SER B 213 7.19 18.52 -1.93
C SER B 213 6.62 17.13 -1.65
C SER B 213 6.56 17.14 -1.79
N VAL B 214 5.36 17.10 -1.24
CA VAL B 214 4.63 15.84 -1.08
C VAL B 214 3.46 15.86 -2.05
N TYR B 215 3.29 14.76 -2.75
CA TYR B 215 2.20 14.56 -3.70
C TYR B 215 1.17 13.66 -3.04
N TYR B 216 -0.08 14.11 -3.01
CA TYR B 216 -1.13 13.41 -2.25
C TYR B 216 -2.39 13.36 -3.10
N ASP B 217 -3.08 12.23 -3.11
CA ASP B 217 -4.23 12.11 -4.00
C ASP B 217 -5.50 12.53 -3.29
N CYS B 218 -6.27 13.38 -3.98
CA CYS B 218 -7.46 14.02 -3.42
C CYS B 218 -8.66 13.74 -4.30
N TRP B 219 -9.72 13.18 -3.70
CA TRP B 219 -10.98 13.07 -4.43
C TRP B 219 -11.61 14.45 -4.45
N GLU B 220 -12.45 14.70 -5.44
CA GLU B 220 -12.96 16.04 -5.70
C GLU B 220 -13.55 16.76 -4.48
N PRO B 221 -14.34 16.08 -3.64
CA PRO B 221 -14.93 16.83 -2.52
C PRO B 221 -13.91 17.29 -1.49
N TYR B 222 -12.72 16.72 -1.54
CA TYR B 222 -11.66 17.07 -0.60
C TYR B 222 -11.09 18.47 -0.82
N ILE B 223 -11.24 19.00 -2.03
CA ILE B 223 -10.51 20.21 -2.39
C ILE B 223 -11.44 21.25 -2.97
N GLU B 224 -11.11 22.52 -2.69
CA GLU B 224 -11.85 23.61 -3.29
C GLU B 224 -10.89 24.64 -3.82
N LEU B 225 -11.36 25.40 -4.80
CA LEU B 225 -10.52 26.28 -5.54
C LEU B 225 -9.98 27.41 -4.68
N VAL B 226 -8.68 27.63 -4.81
CA VAL B 226 -8.03 28.91 -4.64
C VAL B 226 -7.67 29.18 -6.11
N ASP B 227 -6.94 30.24 -6.43
CA ASP B 227 -6.55 30.58 -7.81
C ASP B 227 -6.65 29.48 -8.91
N THR B 228 -7.51 29.68 -9.90
CA THR B 228 -7.56 28.84 -11.10
C THR B 228 -6.25 28.92 -11.88
#